data_2OHV
#
_entry.id   2OHV
#
_cell.length_a   79.745
_cell.length_b   79.745
_cell.length_c   95.700
_cell.angle_alpha   90.00
_cell.angle_beta   90.00
_cell.angle_gamma   120.00
#
_symmetry.space_group_name_H-M   'P 32 2 1'
#
loop_
_entity.id
_entity.type
_entity.pdbx_description
1 polymer 'Glutamate Racemase'
2 non-polymer '(4S)-4-(2-NAPHTHYLMETHYL)-D-GLUTAMIC ACID'
3 water water
#
_entity_poly.entity_id   1
_entity_poly.type   'polypeptide(L)'
_entity_poly.pdbx_seq_one_letter_code
;MDTRPIGFLDSGVGGLTVVCELIRQLPHEKIVYIGDSARAPYGPRPKKQIKEYTWELVNFLLTQNVKMIVFACNTATAVA
WEEVKAALDIPVLGVVLPGASAAIKSTTKGQVGVIGTPMTVASDIYRKKIQLLAPSIQVRSLACPKFVPIVESNEMCSSI
AKKIVYDSLAPLVGKIDTLVLGCTHYPLLRPIIQNVMGPSVKLIDSGAECVRDISVLLNYFDINGNYHQKAVEHRFFTTA
NPEIFQEIASIWLKQKINVEHVTL
;
_entity_poly.pdbx_strand_id   A
#
# COMPACT_ATOMS: atom_id res chain seq x y z
N MET A 1 13.47 18.15 -14.08
CA MET A 1 12.57 19.00 -14.91
C MET A 1 11.11 18.55 -14.93
N ASP A 2 10.86 17.24 -14.97
CA ASP A 2 9.49 16.71 -15.02
C ASP A 2 8.66 17.14 -13.83
N THR A 3 7.68 18.01 -14.09
CA THR A 3 6.81 18.54 -13.05
C THR A 3 5.47 17.79 -12.95
N ARG A 4 5.29 16.80 -13.81
CA ARG A 4 4.09 15.98 -13.81
C ARG A 4 4.00 15.24 -12.47
N PRO A 5 2.78 15.05 -11.94
CA PRO A 5 2.59 14.37 -10.66
C PRO A 5 2.63 12.85 -10.77
N ILE A 6 2.90 12.19 -9.65
CA ILE A 6 2.93 10.73 -9.58
C ILE A 6 1.53 10.32 -9.17
N GLY A 7 0.92 9.41 -9.93
CA GLY A 7 -0.44 8.99 -9.60
C GLY A 7 -0.55 7.78 -8.68
N PHE A 8 -1.52 7.83 -7.78
CA PHE A 8 -1.75 6.72 -6.85
C PHE A 8 -3.19 6.22 -6.94
N LEU A 9 -3.35 4.96 -7.33
CA LEU A 9 -4.67 4.36 -7.41
C LEU A 9 -4.90 3.43 -6.22
N ASP A 10 -5.79 3.81 -5.31
CA ASP A 10 -6.07 2.96 -4.15
C ASP A 10 -7.53 2.51 -4.16
N SER A 11 -7.85 1.54 -3.30
CA SER A 11 -9.22 1.01 -3.22
C SER A 11 -10.05 1.79 -2.22
N GLY A 12 -9.41 2.71 -1.52
CA GLY A 12 -10.10 3.50 -0.51
C GLY A 12 -9.11 4.47 0.09
N VAL A 13 -9.01 4.48 1.42
CA VAL A 13 -8.12 5.38 2.11
C VAL A 13 -6.81 4.70 2.57
N GLY A 14 -6.73 3.38 2.39
CA GLY A 14 -5.54 2.66 2.81
C GLY A 14 -4.25 3.15 2.18
N GLY A 15 -4.27 3.30 0.86
CA GLY A 15 -3.11 3.75 0.13
C GLY A 15 -2.50 5.02 0.68
N LEU A 16 -3.30 5.81 1.38
CA LEU A 16 -2.82 7.07 1.93
C LEU A 16 -1.55 6.96 2.75
N THR A 17 -1.26 5.76 3.26
CA THR A 17 -0.05 5.59 4.07
C THR A 17 1.15 5.62 3.12
N VAL A 18 0.94 5.11 1.92
CA VAL A 18 1.99 5.11 0.92
C VAL A 18 2.28 6.56 0.58
N VAL A 19 1.21 7.36 0.57
CA VAL A 19 1.34 8.77 0.27
C VAL A 19 2.14 9.49 1.35
N CYS A 20 1.83 9.20 2.61
CA CYS A 20 2.54 9.83 3.70
C CYS A 20 4.01 9.47 3.65
N GLU A 21 4.30 8.31 3.07
CA GLU A 21 5.67 7.86 2.95
C GLU A 21 6.37 8.67 1.86
N LEU A 22 5.65 8.92 0.78
CA LEU A 22 6.21 9.69 -0.33
C LEU A 22 6.51 11.12 0.15
N ILE A 23 5.49 11.76 0.71
CA ILE A 23 5.64 13.12 1.22
C ILE A 23 6.81 13.19 2.18
N ARG A 24 7.00 12.10 2.91
CA ARG A 24 8.08 12.00 3.88
C ARG A 24 9.44 11.86 3.18
N GLN A 25 9.53 10.96 2.20
CA GLN A 25 10.79 10.71 1.48
C GLN A 25 11.10 11.64 0.31
N LEU A 26 10.07 12.08 -0.41
CA LEU A 26 10.25 12.95 -1.56
C LEU A 26 9.27 14.10 -1.46
N PRO A 27 9.51 15.02 -0.52
CA PRO A 27 8.66 16.19 -0.29
C PRO A 27 8.41 17.04 -1.52
N HIS A 28 9.31 16.97 -2.49
CA HIS A 28 9.18 17.76 -3.70
C HIS A 28 8.24 17.21 -4.76
N GLU A 29 8.01 15.89 -4.77
CA GLU A 29 7.11 15.30 -5.76
C GLU A 29 5.65 15.65 -5.54
N LYS A 30 4.93 15.82 -6.64
CA LYS A 30 3.50 16.17 -6.62
C LYS A 30 2.63 14.91 -6.63
N ILE A 31 1.43 15.01 -6.09
CA ILE A 31 0.56 13.84 -6.01
C ILE A 31 -0.88 13.93 -6.56
N VAL A 32 -1.27 12.87 -7.26
CA VAL A 32 -2.62 12.70 -7.78
C VAL A 32 -3.03 11.35 -7.18
N TYR A 33 -4.03 11.39 -6.31
CA TYR A 33 -4.46 10.17 -5.63
C TYR A 33 -5.95 9.91 -5.78
N ILE A 34 -6.27 8.74 -6.31
CA ILE A 34 -7.66 8.35 -6.49
C ILE A 34 -7.93 7.07 -5.66
N GLY A 35 -8.88 7.17 -4.73
CA GLY A 35 -9.24 6.04 -3.89
C GLY A 35 -10.70 5.68 -4.16
N ASP A 36 -10.90 4.50 -4.72
CA ASP A 36 -12.25 4.06 -5.07
C ASP A 36 -13.06 3.53 -3.86
N SER A 37 -13.27 4.38 -2.85
CA SER A 37 -14.04 4.01 -1.66
C SER A 37 -15.30 3.24 -1.99
N ALA A 38 -16.04 3.72 -2.99
CA ALA A 38 -17.26 3.05 -3.43
C ALA A 38 -16.87 1.83 -4.24
N ARG A 39 -17.82 0.94 -4.49
CA ARG A 39 -17.58 -0.27 -5.30
C ARG A 39 -16.84 -1.37 -4.52
N ALA A 40 -17.08 -2.62 -4.91
CA ALA A 40 -16.44 -3.77 -4.26
C ALA A 40 -16.63 -5.05 -5.08
N PRO A 46 -15.73 -11.13 -9.56
CA PRO A 46 -15.01 -10.44 -8.50
C PRO A 46 -13.58 -10.09 -8.89
N LYS A 47 -12.83 -11.05 -9.39
CA LYS A 47 -11.46 -10.81 -9.79
C LYS A 47 -11.42 -10.08 -11.13
N LYS A 48 -11.96 -10.72 -12.17
CA LYS A 48 -12.01 -10.11 -13.50
C LYS A 48 -12.64 -8.73 -13.36
N GLN A 49 -13.57 -8.62 -12.42
CA GLN A 49 -14.27 -7.38 -12.14
C GLN A 49 -13.36 -6.36 -11.50
N ILE A 50 -12.36 -6.84 -10.76
CA ILE A 50 -11.43 -5.95 -10.10
C ILE A 50 -10.47 -5.34 -11.11
N LYS A 51 -10.13 -6.09 -12.15
CA LYS A 51 -9.24 -5.60 -13.21
C LYS A 51 -9.93 -4.43 -13.88
N GLU A 52 -11.20 -4.60 -14.20
CA GLU A 52 -12.00 -3.57 -14.85
C GLU A 52 -12.00 -2.30 -14.01
N TYR A 53 -12.21 -2.47 -12.71
CA TYR A 53 -12.23 -1.35 -11.78
C TYR A 53 -10.88 -0.64 -11.77
N THR A 54 -9.81 -1.44 -11.69
CA THR A 54 -8.47 -0.88 -11.65
C THR A 54 -8.22 -0.07 -12.91
N TRP A 55 -8.52 -0.65 -14.06
CA TRP A 55 -8.33 0.05 -15.32
C TRP A 55 -9.07 1.40 -15.33
N GLU A 56 -10.27 1.42 -14.78
CA GLU A 56 -11.01 2.67 -14.73
C GLU A 56 -10.21 3.72 -13.98
N LEU A 57 -9.58 3.29 -12.88
CA LEU A 57 -8.77 4.20 -12.07
C LEU A 57 -7.46 4.57 -12.75
N VAL A 58 -6.96 3.67 -13.61
CA VAL A 58 -5.71 3.93 -14.32
C VAL A 58 -5.96 5.00 -15.38
N ASN A 59 -7.08 4.85 -16.09
CA ASN A 59 -7.46 5.78 -17.13
C ASN A 59 -7.67 7.16 -16.56
N PHE A 60 -8.21 7.23 -15.35
CA PHE A 60 -8.41 8.53 -14.71
C PHE A 60 -7.05 9.13 -14.39
N LEU A 61 -6.19 8.36 -13.74
CA LEU A 61 -4.86 8.84 -13.41
C LEU A 61 -4.19 9.37 -14.69
N LEU A 62 -4.38 8.63 -15.80
CA LEU A 62 -3.83 9.02 -17.09
C LEU A 62 -4.37 10.40 -17.53
N THR A 63 -5.67 10.63 -17.41
CA THR A 63 -6.23 11.90 -17.78
C THR A 63 -5.80 12.99 -16.81
N GLN A 64 -4.89 12.66 -15.90
CA GLN A 64 -4.38 13.64 -14.95
C GLN A 64 -2.90 13.93 -15.25
N ASN A 65 -2.43 13.38 -16.36
CA ASN A 65 -1.07 13.59 -16.82
C ASN A 65 0.01 13.20 -15.81
N VAL A 66 -0.06 11.96 -15.33
CA VAL A 66 0.91 11.47 -14.36
C VAL A 66 2.12 10.92 -15.07
N LYS A 67 3.29 11.02 -14.44
CA LYS A 67 4.51 10.50 -15.05
C LYS A 67 4.75 9.08 -14.57
N MET A 68 3.97 8.69 -13.56
CA MET A 68 4.10 7.38 -12.95
C MET A 68 2.80 7.01 -12.25
N ILE A 69 2.54 5.70 -12.18
CA ILE A 69 1.37 5.18 -11.52
C ILE A 69 1.77 4.12 -10.51
N VAL A 70 1.37 4.36 -9.26
CA VAL A 70 1.66 3.44 -8.18
C VAL A 70 0.40 2.78 -7.63
N PHE A 71 0.34 1.45 -7.70
CA PHE A 71 -0.80 0.69 -7.17
C PHE A 71 -0.64 0.66 -5.65
N ALA A 72 -1.32 1.55 -4.95
CA ALA A 72 -1.20 1.59 -3.49
C ALA A 72 -2.04 0.51 -2.84
N CYS A 73 -2.75 -0.26 -3.66
CA CYS A 73 -3.60 -1.31 -3.16
C CYS A 73 -3.05 -2.71 -3.45
N ASN A 74 -2.83 -3.46 -2.38
CA ASN A 74 -2.29 -4.81 -2.47
C ASN A 74 -3.13 -5.75 -3.35
N THR A 75 -4.45 -5.67 -3.21
CA THR A 75 -5.35 -6.52 -3.98
C THR A 75 -5.32 -6.16 -5.46
N ALA A 76 -5.46 -4.87 -5.74
CA ALA A 76 -5.41 -4.37 -7.11
C ALA A 76 -4.08 -4.79 -7.74
N THR A 77 -2.98 -4.60 -7.00
CA THR A 77 -1.65 -4.97 -7.49
C THR A 77 -1.63 -6.41 -7.95
N ALA A 78 -2.06 -7.29 -7.04
CA ALA A 78 -2.08 -8.72 -7.29
C ALA A 78 -2.90 -9.13 -8.50
N VAL A 79 -3.91 -8.34 -8.82
CA VAL A 79 -4.79 -8.67 -9.94
C VAL A 79 -4.49 -8.00 -11.27
N ALA A 80 -4.10 -6.73 -11.25
CA ALA A 80 -3.87 -6.02 -12.50
C ALA A 80 -2.52 -5.38 -12.72
N TRP A 81 -1.80 -5.08 -11.64
CA TRP A 81 -0.49 -4.45 -11.75
C TRP A 81 0.33 -4.90 -12.96
N GLU A 82 0.69 -6.16 -13.02
CA GLU A 82 1.50 -6.63 -14.13
C GLU A 82 0.92 -6.37 -15.51
N GLU A 83 -0.40 -6.43 -15.63
CA GLU A 83 -1.08 -6.21 -16.91
C GLU A 83 -0.94 -4.73 -17.31
N VAL A 84 -1.52 -3.86 -16.48
CA VAL A 84 -1.47 -2.43 -16.69
C VAL A 84 -0.03 -1.93 -16.88
N LYS A 85 0.91 -2.56 -16.19
CA LYS A 85 2.32 -2.18 -16.26
C LYS A 85 2.89 -2.37 -17.67
N ALA A 86 2.51 -3.48 -18.31
CA ALA A 86 2.98 -3.79 -19.66
C ALA A 86 2.18 -3.12 -20.77
N ALA A 87 1.05 -2.52 -20.43
CA ALA A 87 0.21 -1.87 -21.42
C ALA A 87 0.43 -0.35 -21.50
N LEU A 88 1.21 0.21 -20.59
CA LEU A 88 1.47 1.64 -20.55
C LEU A 88 2.96 1.97 -20.79
N ASP A 89 3.23 3.18 -21.27
CA ASP A 89 4.62 3.55 -21.53
C ASP A 89 5.24 4.14 -20.27
N ILE A 90 4.41 4.72 -19.39
CA ILE A 90 4.93 5.29 -18.14
C ILE A 90 5.13 4.18 -17.10
N PRO A 91 6.04 4.40 -16.15
CA PRO A 91 6.32 3.41 -15.11
C PRO A 91 5.14 3.09 -14.21
N VAL A 92 5.03 1.82 -13.83
CA VAL A 92 3.96 1.37 -12.95
C VAL A 92 4.49 0.32 -12.00
N LEU A 93 4.44 0.60 -10.71
CA LEU A 93 4.92 -0.39 -9.77
C LEU A 93 3.87 -0.62 -8.69
N GLY A 94 3.89 -1.81 -8.11
CA GLY A 94 2.96 -2.16 -7.06
C GLY A 94 3.67 -2.19 -5.74
N VAL A 95 2.93 -2.42 -4.66
CA VAL A 95 3.51 -2.46 -3.33
C VAL A 95 3.88 -3.87 -2.91
N VAL A 96 3.37 -4.85 -3.64
CA VAL A 96 3.62 -6.24 -3.32
C VAL A 96 5.07 -6.65 -3.55
N LEU A 97 5.53 -6.60 -4.79
CA LEU A 97 6.90 -7.03 -5.08
C LEU A 97 7.97 -6.43 -4.17
N PRO A 98 8.00 -5.09 -4.00
CA PRO A 98 9.03 -4.55 -3.12
C PRO A 98 8.95 -5.03 -1.67
N GLY A 99 7.76 -5.43 -1.23
CA GLY A 99 7.60 -5.93 0.13
C GLY A 99 8.08 -7.37 0.25
N ALA A 100 7.92 -8.12 -0.84
CA ALA A 100 8.33 -9.51 -0.89
C ALA A 100 9.85 -9.56 -0.99
N SER A 101 10.41 -8.70 -1.84
CA SER A 101 11.85 -8.66 -2.02
C SER A 101 12.53 -8.22 -0.71
N ALA A 102 11.91 -7.30 0.00
CA ALA A 102 12.46 -6.81 1.25
C ALA A 102 12.43 -7.93 2.29
N ALA A 103 11.37 -8.73 2.25
CA ALA A 103 11.21 -9.84 3.19
C ALA A 103 12.24 -10.91 2.88
N ILE A 104 12.36 -11.25 1.60
CA ILE A 104 13.32 -12.27 1.19
C ILE A 104 14.70 -11.95 1.73
N LYS A 105 15.07 -10.67 1.66
CA LYS A 105 16.37 -10.23 2.13
C LYS A 105 16.55 -10.06 3.65
N SER A 106 15.46 -9.98 4.41
CA SER A 106 15.59 -9.80 5.85
C SER A 106 15.34 -11.09 6.65
N THR A 107 14.85 -12.12 5.99
CA THR A 107 14.58 -13.36 6.71
C THR A 107 15.85 -14.03 7.20
N THR A 108 15.90 -14.27 8.51
CA THR A 108 17.06 -14.91 9.11
C THR A 108 17.00 -16.42 8.91
N LYS A 109 15.93 -17.05 9.38
CA LYS A 109 15.78 -18.49 9.25
C LYS A 109 15.12 -18.92 7.96
N GLY A 110 14.24 -18.08 7.43
CA GLY A 110 13.55 -18.42 6.19
C GLY A 110 12.10 -18.74 6.44
N GLN A 111 11.60 -18.27 7.58
CA GLN A 111 10.20 -18.50 7.93
C GLN A 111 9.50 -17.16 7.89
N VAL A 112 8.84 -16.87 6.77
CA VAL A 112 8.16 -15.60 6.58
C VAL A 112 6.65 -15.62 6.72
N GLY A 113 6.15 -14.65 7.47
CA GLY A 113 4.71 -14.54 7.66
C GLY A 113 4.20 -13.27 7.02
N VAL A 114 3.15 -13.40 6.22
CA VAL A 114 2.56 -12.24 5.59
C VAL A 114 1.09 -12.14 6.00
N ILE A 115 0.70 -10.98 6.49
CA ILE A 115 -0.70 -10.76 6.88
C ILE A 115 -1.29 -9.78 5.88
N GLY A 116 -2.60 -9.64 5.90
CA GLY A 116 -3.23 -8.72 4.99
C GLY A 116 -4.69 -9.04 4.78
N THR A 117 -5.29 -8.25 3.90
CA THR A 117 -6.69 -8.37 3.54
C THR A 117 -7.08 -9.79 3.08
N PRO A 118 -8.35 -10.17 3.27
CA PRO A 118 -8.87 -11.48 2.86
C PRO A 118 -8.67 -11.70 1.36
N MET A 119 -8.92 -10.66 0.58
CA MET A 119 -8.76 -10.75 -0.86
C MET A 119 -7.27 -10.85 -1.24
N THR A 120 -6.43 -10.06 -0.57
CA THR A 120 -5.00 -10.11 -0.89
C THR A 120 -4.49 -11.50 -0.57
N VAL A 121 -4.91 -12.03 0.57
CA VAL A 121 -4.51 -13.35 1.01
C VAL A 121 -5.08 -14.43 0.10
N ALA A 122 -6.33 -14.25 -0.34
CA ALA A 122 -6.94 -15.23 -1.24
C ALA A 122 -6.20 -15.27 -2.57
N SER A 123 -5.71 -14.11 -3.00
CA SER A 123 -4.96 -13.99 -4.24
C SER A 123 -3.64 -14.72 -4.07
N ASP A 124 -3.22 -14.84 -2.82
CA ASP A 124 -1.99 -15.53 -2.46
C ASP A 124 -0.80 -14.97 -3.24
N ILE A 125 -0.89 -13.69 -3.62
CA ILE A 125 0.17 -13.05 -4.41
C ILE A 125 1.53 -13.03 -3.72
N TYR A 126 1.56 -12.66 -2.45
CA TYR A 126 2.82 -12.61 -1.73
C TYR A 126 3.55 -13.94 -1.68
N ARG A 127 2.81 -15.03 -1.47
CA ARG A 127 3.43 -16.34 -1.42
C ARG A 127 4.02 -16.69 -2.78
N LYS A 128 3.19 -16.54 -3.82
CA LYS A 128 3.61 -16.83 -5.17
C LYS A 128 4.87 -16.04 -5.60
N LYS A 129 4.97 -14.78 -5.20
CA LYS A 129 6.14 -14.01 -5.57
C LYS A 129 7.36 -14.41 -4.75
N ILE A 130 7.19 -14.55 -3.44
CA ILE A 130 8.30 -14.93 -2.60
C ILE A 130 8.90 -16.26 -3.01
N GLN A 131 8.06 -17.29 -3.17
CA GLN A 131 8.56 -18.61 -3.54
C GLN A 131 8.84 -18.75 -5.03
N LEU A 132 8.77 -17.63 -5.73
CA LEU A 132 9.05 -17.61 -7.16
C LEU A 132 10.48 -17.12 -7.30
N LEU A 133 10.81 -16.09 -6.53
CA LEU A 133 12.15 -15.52 -6.52
C LEU A 133 13.03 -16.36 -5.59
N ALA A 134 12.42 -16.88 -4.53
CA ALA A 134 13.15 -17.70 -3.57
C ALA A 134 12.30 -18.89 -3.08
N PRO A 135 12.26 -19.98 -3.85
CA PRO A 135 11.52 -21.22 -3.59
C PRO A 135 11.71 -21.90 -2.22
N SER A 136 12.90 -21.80 -1.66
CA SER A 136 13.18 -22.44 -0.38
C SER A 136 12.53 -21.80 0.84
N ILE A 137 12.14 -20.54 0.75
CA ILE A 137 11.54 -19.86 1.89
C ILE A 137 10.12 -20.31 2.22
N GLN A 138 9.86 -20.51 3.51
CA GLN A 138 8.55 -20.93 3.97
C GLN A 138 7.73 -19.68 4.20
N VAL A 139 6.60 -19.60 3.50
CA VAL A 139 5.71 -18.46 3.64
C VAL A 139 4.36 -18.82 4.24
N ARG A 140 4.03 -18.11 5.33
CA ARG A 140 2.79 -18.32 6.08
C ARG A 140 1.88 -17.09 5.97
N SER A 141 0.77 -17.21 5.24
CA SER A 141 -0.15 -16.08 5.04
C SER A 141 -1.35 -16.16 5.97
N LEU A 142 -1.84 -15.00 6.39
CA LEU A 142 -2.98 -14.94 7.32
C LEU A 142 -3.83 -13.67 7.23
N ALA A 143 -5.12 -13.84 6.91
CA ALA A 143 -6.04 -12.71 6.81
C ALA A 143 -6.39 -12.10 8.16
N CYS A 144 -6.42 -10.78 8.21
CA CYS A 144 -6.75 -10.05 9.43
C CYS A 144 -7.90 -9.08 9.15
N PRO A 145 -9.05 -9.60 8.72
CA PRO A 145 -10.21 -8.76 8.40
C PRO A 145 -10.65 -7.76 9.43
N LYS A 146 -10.18 -7.86 10.67
CA LYS A 146 -10.62 -6.88 11.66
C LYS A 146 -9.69 -5.67 11.77
N PHE A 147 -8.54 -5.77 11.12
CA PHE A 147 -7.54 -4.70 11.15
C PHE A 147 -7.94 -3.40 10.44
N VAL A 148 -8.43 -3.50 9.21
CA VAL A 148 -8.84 -2.32 8.44
C VAL A 148 -9.86 -1.47 9.19
N PRO A 149 -10.96 -2.09 9.65
CA PRO A 149 -11.99 -1.35 10.39
C PRO A 149 -11.45 -0.62 11.61
N ILE A 150 -10.50 -1.23 12.31
CA ILE A 150 -9.90 -0.64 13.50
C ILE A 150 -9.09 0.61 13.18
N VAL A 151 -8.42 0.58 12.04
CA VAL A 151 -7.61 1.70 11.60
C VAL A 151 -8.47 2.89 11.19
N GLU A 152 -9.49 2.64 10.38
CA GLU A 152 -10.35 3.73 9.95
C GLU A 152 -11.08 4.39 11.11
N SER A 153 -11.18 3.66 12.22
CA SER A 153 -11.84 4.17 13.42
C SER A 153 -10.89 5.08 14.18
N ASN A 154 -9.60 4.94 13.87
CA ASN A 154 -8.53 5.70 14.48
C ASN A 154 -8.41 5.39 15.97
N GLU A 155 -8.94 4.23 16.34
CA GLU A 155 -8.89 3.79 17.72
C GLU A 155 -7.90 2.63 17.78
N MET A 156 -6.62 2.96 17.67
CA MET A 156 -5.57 1.96 17.73
C MET A 156 -5.17 1.67 19.16
N CYS A 157 -5.05 2.72 19.96
CA CYS A 157 -4.66 2.58 21.36
C CYS A 157 -5.69 1.77 22.15
N SER A 158 -6.88 1.62 21.56
CA SER A 158 -7.96 0.88 22.18
C SER A 158 -7.53 -0.52 22.59
N SER A 159 -7.58 -0.79 23.89
CA SER A 159 -7.21 -2.09 24.41
C SER A 159 -8.06 -3.16 23.72
N ILE A 160 -9.22 -2.73 23.22
CA ILE A 160 -10.12 -3.63 22.51
C ILE A 160 -9.47 -3.99 21.19
N ALA A 161 -8.74 -3.05 20.63
CA ALA A 161 -8.05 -3.25 19.37
C ALA A 161 -6.86 -4.18 19.55
N LYS A 162 -6.06 -3.88 20.56
CA LYS A 162 -4.86 -4.68 20.88
C LYS A 162 -5.20 -6.15 21.05
N LYS A 163 -6.40 -6.42 21.53
CA LYS A 163 -6.83 -7.80 21.72
C LYS A 163 -7.00 -8.44 20.35
N ILE A 164 -7.68 -7.73 19.45
CA ILE A 164 -7.91 -8.22 18.10
C ILE A 164 -6.58 -8.50 17.39
N VAL A 165 -5.64 -7.58 17.54
CA VAL A 165 -4.32 -7.74 16.94
C VAL A 165 -3.70 -8.99 17.54
N TYR A 166 -3.81 -9.10 18.86
CA TYR A 166 -3.28 -10.24 19.58
C TYR A 166 -3.89 -11.55 19.06
N ASP A 167 -5.20 -11.69 19.20
CA ASP A 167 -5.86 -12.91 18.76
C ASP A 167 -5.68 -13.19 17.28
N SER A 168 -5.62 -12.14 16.47
CA SER A 168 -5.47 -12.31 15.03
C SER A 168 -4.11 -12.87 14.61
N LEU A 169 -3.06 -12.48 15.32
CA LEU A 169 -1.71 -12.94 15.00
C LEU A 169 -1.30 -14.21 15.72
N ALA A 170 -2.08 -14.60 16.72
CA ALA A 170 -1.78 -15.79 17.50
C ALA A 170 -1.18 -16.91 16.66
N PRO A 171 -1.84 -17.27 15.55
CA PRO A 171 -1.41 -18.34 14.62
C PRO A 171 0.01 -18.22 14.07
N LEU A 172 0.57 -17.02 14.09
CA LEU A 172 1.92 -16.80 13.57
C LEU A 172 2.96 -16.59 14.66
N VAL A 173 2.52 -16.20 15.85
CA VAL A 173 3.43 -15.95 16.95
C VAL A 173 4.42 -17.09 17.19
N GLY A 174 5.69 -16.72 17.18
CA GLY A 174 6.74 -17.69 17.40
C GLY A 174 6.97 -18.68 16.27
N LYS A 175 6.42 -18.43 15.09
CA LYS A 175 6.60 -19.37 13.99
C LYS A 175 7.28 -18.75 12.77
N ILE A 176 7.57 -17.45 12.85
CA ILE A 176 8.19 -16.75 11.73
C ILE A 176 9.24 -15.77 12.21
N ASP A 177 10.24 -15.51 11.37
CA ASP A 177 11.31 -14.57 11.74
C ASP A 177 11.03 -13.16 11.18
N THR A 178 10.19 -13.09 10.17
CA THR A 178 9.85 -11.83 9.53
C THR A 178 8.38 -11.77 9.08
N LEU A 179 7.69 -10.71 9.46
CA LEU A 179 6.27 -10.51 9.10
C LEU A 179 6.04 -9.34 8.15
N VAL A 180 5.38 -9.62 7.02
CA VAL A 180 5.06 -8.60 6.01
C VAL A 180 3.70 -7.93 6.22
N LEU A 181 3.69 -6.62 6.43
CA LEU A 181 2.41 -5.92 6.57
C LEU A 181 1.87 -5.83 5.14
N GLY A 182 1.15 -6.87 4.74
CA GLY A 182 0.59 -6.97 3.39
C GLY A 182 -0.68 -6.20 3.10
N CYS A 183 -0.94 -5.15 3.87
CA CYS A 183 -2.09 -4.27 3.68
C CYS A 183 -1.56 -2.89 4.00
N THR A 184 -1.85 -1.91 3.14
CA THR A 184 -1.34 -0.55 3.36
C THR A 184 -1.98 0.11 4.57
N HIS A 185 -3.02 -0.52 5.10
CA HIS A 185 -3.67 0.00 6.29
C HIS A 185 -2.84 -0.29 7.54
N TYR A 186 -2.25 -1.49 7.58
CA TYR A 186 -1.52 -1.97 8.75
C TYR A 186 -0.35 -1.18 9.33
N PRO A 187 0.30 -0.33 8.55
CA PRO A 187 1.41 0.41 9.16
C PRO A 187 0.94 1.24 10.36
N LEU A 188 -0.35 1.49 10.45
CA LEU A 188 -0.87 2.30 11.54
C LEU A 188 -1.05 1.47 12.81
N LEU A 189 -0.93 0.16 12.68
CA LEU A 189 -1.05 -0.76 13.81
C LEU A 189 0.32 -1.34 14.12
N ARG A 190 1.36 -0.73 13.55
CA ARG A 190 2.73 -1.22 13.70
C ARG A 190 3.20 -1.52 15.12
N PRO A 191 3.15 -0.54 16.03
CA PRO A 191 3.60 -0.77 17.41
C PRO A 191 2.92 -2.00 18.01
N ILE A 192 1.60 -2.00 17.99
CA ILE A 192 0.83 -3.12 18.51
C ILE A 192 1.32 -4.43 17.88
N ILE A 193 1.45 -4.45 16.56
CA ILE A 193 1.89 -5.64 15.87
C ILE A 193 3.27 -6.10 16.32
N GLN A 194 4.16 -5.16 16.58
CA GLN A 194 5.51 -5.50 17.03
C GLN A 194 5.44 -6.25 18.36
N ASN A 195 4.77 -5.65 19.35
CA ASN A 195 4.63 -6.27 20.66
C ASN A 195 4.11 -7.70 20.55
N VAL A 196 2.98 -7.87 19.87
CA VAL A 196 2.38 -9.19 19.71
C VAL A 196 3.32 -10.22 19.07
N MET A 197 4.28 -9.77 18.27
CA MET A 197 5.21 -10.73 17.65
C MET A 197 6.51 -10.90 18.41
N GLY A 198 6.96 -9.83 19.05
CA GLY A 198 8.21 -9.88 19.78
C GLY A 198 9.32 -9.26 18.95
N PRO A 199 10.35 -8.72 19.60
CA PRO A 199 11.48 -8.07 18.92
C PRO A 199 12.31 -8.99 18.03
N SER A 200 12.02 -10.28 18.05
CA SER A 200 12.76 -11.22 17.22
C SER A 200 12.19 -11.29 15.81
N VAL A 201 11.03 -10.66 15.60
CA VAL A 201 10.40 -10.67 14.29
C VAL A 201 10.56 -9.31 13.61
N LYS A 202 11.17 -9.33 12.43
CA LYS A 202 11.39 -8.12 11.65
C LYS A 202 10.13 -7.88 10.82
N LEU A 203 9.60 -6.66 10.88
CA LEU A 203 8.39 -6.27 10.14
C LEU A 203 8.71 -5.50 8.86
N ILE A 204 8.15 -5.97 7.75
CA ILE A 204 8.32 -5.37 6.43
C ILE A 204 7.10 -4.54 6.04
N ASP A 205 7.28 -3.24 5.88
CA ASP A 205 6.19 -2.34 5.48
C ASP A 205 6.24 -2.15 3.97
N SER A 206 5.44 -2.95 3.26
CA SER A 206 5.40 -2.91 1.79
C SER A 206 5.28 -1.51 1.20
N GLY A 207 4.33 -0.73 1.70
CA GLY A 207 4.14 0.61 1.21
C GLY A 207 5.42 1.41 1.27
N ALA A 208 6.07 1.39 2.44
CA ALA A 208 7.31 2.11 2.64
C ALA A 208 8.41 1.59 1.73
N GLU A 209 8.45 0.27 1.52
CA GLU A 209 9.46 -0.31 0.66
C GLU A 209 9.20 0.07 -0.80
N CYS A 210 7.96 0.43 -1.10
CA CYS A 210 7.59 0.82 -2.46
C CYS A 210 8.08 2.24 -2.75
N VAL A 211 7.97 3.11 -1.77
CA VAL A 211 8.39 4.49 -1.92
C VAL A 211 9.90 4.57 -2.12
N ARG A 212 10.63 3.73 -1.40
CA ARG A 212 12.08 3.70 -1.52
C ARG A 212 12.47 3.24 -2.92
N ASP A 213 11.57 2.50 -3.58
CA ASP A 213 11.83 2.04 -4.95
C ASP A 213 11.54 3.15 -5.95
N ILE A 214 10.57 3.99 -5.62
CA ILE A 214 10.16 5.11 -6.48
C ILE A 214 11.33 6.08 -6.80
N SER A 215 12.07 6.48 -5.79
CA SER A 215 13.17 7.39 -6.06
C SER A 215 14.10 6.75 -7.08
N VAL A 216 14.49 5.49 -6.88
CA VAL A 216 15.38 4.80 -7.81
C VAL A 216 14.78 4.78 -9.22
N LEU A 217 13.48 4.58 -9.31
CA LEU A 217 12.82 4.55 -10.61
C LEU A 217 12.75 5.93 -11.23
N LEU A 218 12.44 6.93 -10.41
CA LEU A 218 12.38 8.31 -10.91
C LEU A 218 13.73 8.69 -11.51
N ASN A 219 14.81 8.24 -10.88
CA ASN A 219 16.13 8.54 -11.40
C ASN A 219 16.28 7.84 -12.72
N TYR A 220 16.27 6.50 -12.67
CA TYR A 220 16.43 5.69 -13.86
C TYR A 220 15.67 6.16 -15.09
N PHE A 221 14.43 6.63 -14.92
CA PHE A 221 13.66 7.10 -16.07
C PHE A 221 13.75 8.60 -16.22
N ASP A 222 14.80 9.16 -15.61
CA ASP A 222 15.06 10.60 -15.63
C ASP A 222 13.79 11.43 -15.67
N ILE A 223 12.97 11.31 -14.63
CA ILE A 223 11.72 12.07 -14.55
C ILE A 223 11.51 12.66 -13.16
N ASN A 224 12.61 13.12 -12.55
CA ASN A 224 12.54 13.73 -11.23
C ASN A 224 11.86 15.10 -11.34
N GLY A 225 11.36 15.59 -10.21
CA GLY A 225 10.73 16.90 -10.18
C GLY A 225 11.73 17.84 -9.53
N ASN A 226 11.35 19.08 -9.26
CA ASN A 226 12.28 20.02 -8.64
C ASN A 226 12.45 19.76 -7.16
N TYR A 227 13.66 19.41 -6.76
CA TYR A 227 13.99 19.09 -5.36
C TYR A 227 13.75 20.20 -4.33
N HIS A 228 13.84 21.46 -4.75
CA HIS A 228 13.67 22.56 -3.81
C HIS A 228 12.27 23.17 -3.77
N GLN A 229 11.43 22.85 -4.76
CA GLN A 229 10.08 23.40 -4.81
C GLN A 229 9.16 22.73 -3.80
N ALA A 231 6.74 20.15 -2.99
CA ALA A 231 5.51 20.35 -3.75
C ALA A 231 4.38 20.84 -2.85
N VAL A 232 3.31 21.29 -3.47
CA VAL A 232 2.17 21.80 -2.73
C VAL A 232 0.89 21.54 -3.52
N GLU A 233 1.04 21.35 -4.82
CA GLU A 233 -0.11 21.09 -5.67
C GLU A 233 -0.53 19.62 -5.62
N HIS A 234 -0.93 19.16 -4.44
CA HIS A 234 -1.37 17.78 -4.30
C HIS A 234 -2.87 17.76 -4.53
N ARG A 235 -3.35 16.71 -5.20
CA ARG A 235 -4.79 16.61 -5.48
C ARG A 235 -5.35 15.22 -5.17
N PHE A 236 -6.39 15.18 -4.33
CA PHE A 236 -7.00 13.92 -3.93
C PHE A 236 -8.41 13.71 -4.47
N PHE A 237 -8.64 12.54 -5.06
CA PHE A 237 -9.94 12.20 -5.59
C PHE A 237 -10.49 10.91 -4.99
N THR A 238 -11.76 10.93 -4.62
CA THR A 238 -12.41 9.77 -4.04
C THR A 238 -13.75 9.59 -4.71
N THR A 239 -14.12 8.34 -4.96
CA THR A 239 -15.40 8.07 -5.62
C THR A 239 -16.59 8.05 -4.69
N ALA A 240 -16.37 8.39 -3.41
CA ALA A 240 -17.46 8.40 -2.44
C ALA A 240 -17.00 8.82 -1.04
N ASN A 241 -17.94 9.25 -0.22
CA ASN A 241 -17.63 9.67 1.14
C ASN A 241 -16.51 10.71 1.22
N PRO A 242 -16.58 11.74 0.37
CA PRO A 242 -15.55 12.78 0.37
C PRO A 242 -15.21 13.36 1.74
N GLU A 243 -16.21 13.51 2.59
CA GLU A 243 -16.00 14.09 3.92
C GLU A 243 -15.28 13.18 4.92
N ILE A 244 -15.71 11.92 5.01
CA ILE A 244 -15.05 11.01 5.94
C ILE A 244 -13.62 10.87 5.46
N PHE A 245 -13.43 11.01 4.15
CA PHE A 245 -12.13 10.90 3.53
C PHE A 245 -11.23 12.04 4.02
N GLN A 246 -11.77 13.25 4.02
CA GLN A 246 -11.02 14.40 4.47
C GLN A 246 -10.54 14.19 5.90
N GLU A 247 -11.41 13.62 6.74
CA GLU A 247 -11.05 13.36 8.13
C GLU A 247 -9.81 12.48 8.23
N ILE A 248 -9.98 11.20 7.90
CA ILE A 248 -8.90 10.24 7.95
C ILE A 248 -7.63 10.77 7.32
N ALA A 249 -7.77 11.36 6.14
CA ALA A 249 -6.64 11.91 5.40
C ALA A 249 -5.97 13.08 6.10
N SER A 250 -6.76 13.90 6.78
CA SER A 250 -6.21 15.07 7.47
C SER A 250 -5.47 14.70 8.75
N ILE A 251 -5.78 13.53 9.30
CA ILE A 251 -5.14 13.07 10.51
C ILE A 251 -3.80 12.39 10.21
N TRP A 252 -3.82 11.47 9.24
CA TRP A 252 -2.63 10.74 8.85
C TRP A 252 -1.58 11.67 8.27
N LEU A 253 -2.03 12.62 7.44
CA LEU A 253 -1.12 13.57 6.82
C LEU A 253 -0.93 14.82 7.69
N LYS A 254 -1.48 14.78 8.90
CA LYS A 254 -1.37 15.87 9.86
C LYS A 254 -1.63 17.25 9.25
N GLN A 255 -2.76 17.40 8.56
CA GLN A 255 -3.12 18.66 7.93
C GLN A 255 -4.40 18.49 7.15
N LYS A 256 -5.27 19.48 7.19
CA LYS A 256 -6.52 19.39 6.44
C LYS A 256 -6.15 19.33 4.97
N ILE A 257 -6.82 18.45 4.23
CA ILE A 257 -6.55 18.30 2.82
C ILE A 257 -7.87 18.33 2.06
N ASN A 258 -7.85 18.86 0.84
CA ASN A 258 -9.06 18.97 0.04
C ASN A 258 -9.30 17.79 -0.90
N VAL A 259 -10.40 17.08 -0.64
CA VAL A 259 -10.78 15.92 -1.42
C VAL A 259 -11.86 16.29 -2.42
N GLU A 260 -11.83 15.67 -3.59
CA GLU A 260 -12.80 15.94 -4.62
C GLU A 260 -13.59 14.69 -4.95
N HIS A 261 -14.91 14.77 -4.79
CA HIS A 261 -15.79 13.65 -5.08
C HIS A 261 -15.88 13.39 -6.57
N VAL A 262 -15.45 12.21 -7.00
CA VAL A 262 -15.45 11.85 -8.42
C VAL A 262 -16.39 10.69 -8.76
N THR A 263 -16.85 10.68 -10.00
CA THR A 263 -17.75 9.64 -10.49
C THR A 263 -17.25 9.19 -11.85
N LEU A 264 -16.35 8.22 -11.86
CA LEU A 264 -15.77 7.71 -13.10
C LEU A 264 -16.85 7.18 -14.06
#